data_6D3W
#
_entry.id   6D3W
#
_cell.length_a   74.030
_cell.length_b   66.847
_cell.length_c   75.263
_cell.angle_alpha   90.00
_cell.angle_beta   119.48
_cell.angle_gamma   90.00
#
_symmetry.space_group_name_H-M   'P 1 21 1'
#
loop_
_entity.id
_entity.type
_entity.pdbx_description
1 polymer 'Trehalose phosphatase'
2 non-polymer 'CALCIUM ION'
3 non-polymer 'ACETIC ACID'
4 non-polymer 1,2-ETHANEDIOL
5 water water
#
_entity_poly.entity_id   1
_entity_poly.type   'polypeptide(L)'
_entity_poly.pdbx_seq_one_letter_code
;GHMGTNRPLVFVDLDDTLFQTSRKMVEGTPRTTATLDVHGQPNGYMNPIQHSFISWLLASADVVPVTARDVEAYSRVKLP
FTEGAICSHGGVMLHSDGSLDQDWHGQMAKSLWAFQDRLPALSEATLRIGKDMGYSLRGWVVEEEGLRHYVVTKQNESDD
AVLSKVLAEVQARGMLEGMHIHANGNNLAFLPKGLAKRLAVQEWLRRDAKINGDRPVLGFGDSITDLGFMGLCHMWATPA
RSQLAKAVEEMIIE
;
_entity_poly.pdbx_strand_id   A,B
#
loop_
_chem_comp.id
_chem_comp.type
_chem_comp.name
_chem_comp.formula
ACY non-polymer 'ACETIC ACID' 'C2 H4 O2'
CA non-polymer 'CALCIUM ION' 'Ca 2'
EDO non-polymer 1,2-ETHANEDIOL 'C2 H6 O2'
#
# COMPACT_ATOMS: atom_id res chain seq x y z
N GLY A 1 2.22 -19.42 -21.67
CA GLY A 1 2.03 -18.39 -22.68
C GLY A 1 0.90 -17.48 -22.23
N HIS A 2 0.42 -16.62 -23.11
CA HIS A 2 -0.55 -15.60 -22.74
C HIS A 2 -1.95 -16.06 -23.10
N MET A 3 -2.89 -15.79 -22.20
CA MET A 3 -4.30 -16.13 -22.39
C MET A 3 -5.15 -15.01 -21.84
N GLY A 4 -6.18 -14.60 -22.60
CA GLY A 4 -7.10 -13.60 -22.08
C GLY A 4 -6.45 -12.22 -21.99
N THR A 5 -6.86 -11.46 -20.99
CA THR A 5 -6.33 -10.11 -20.80
C THR A 5 -5.17 -10.13 -19.80
N ASN A 6 -4.21 -9.26 -20.03
CA ASN A 6 -3.08 -9.11 -19.11
C ASN A 6 -3.10 -7.77 -18.37
N ARG A 7 -4.16 -6.97 -18.53
CA ARG A 7 -4.32 -5.75 -17.72
C ARG A 7 -4.54 -6.13 -16.26
N PRO A 8 -4.14 -5.27 -15.33
CA PRO A 8 -4.30 -5.60 -13.91
C PRO A 8 -5.75 -5.78 -13.52
N LEU A 9 -5.98 -6.69 -12.58
CA LEU A 9 -7.25 -6.81 -11.90
C LEU A 9 -7.11 -6.06 -10.58
N VAL A 10 -7.95 -5.05 -10.37
CA VAL A 10 -7.79 -4.16 -9.21
C VAL A 10 -9.05 -4.25 -8.35
N PHE A 11 -8.90 -4.77 -7.14
CA PHE A 11 -9.99 -4.80 -6.17
C PHE A 11 -9.93 -3.55 -5.32
N VAL A 12 -11.02 -2.78 -5.28
CA VAL A 12 -11.04 -1.51 -4.57
C VAL A 12 -12.13 -1.53 -3.52
N ASP A 13 -11.76 -1.27 -2.28
CA ASP A 13 -12.73 -0.83 -1.29
C ASP A 13 -13.39 0.49 -1.74
N LEU A 14 -14.57 0.78 -1.21
CA LEU A 14 -15.29 1.99 -1.61
C LEU A 14 -15.23 3.11 -0.57
N ASP A 15 -16.02 3.01 0.50
CA ASP A 15 -16.10 4.12 1.45
C ASP A 15 -14.74 4.36 2.10
N ASP A 16 -14.32 5.63 2.11
CA ASP A 16 -13.08 6.11 2.70
C ASP A 16 -11.85 5.64 1.94
N THR A 17 -12.03 4.95 0.82
CA THR A 17 -10.95 4.70 -0.11
C THR A 17 -11.10 5.52 -1.38
N LEU A 18 -12.27 5.48 -2.02
CA LEU A 18 -12.49 6.26 -3.24
C LEU A 18 -13.28 7.55 -3.01
N PHE A 19 -13.94 7.70 -1.86
CA PHE A 19 -14.83 8.84 -1.60
C PHE A 19 -15.16 8.81 -0.12
N GLN A 20 -15.81 9.89 0.35
CA GLN A 20 -16.22 9.97 1.76
C GLN A 20 -17.37 10.97 1.92
N THR A 21 -17.99 10.93 3.09
CA THR A 21 -19.05 11.88 3.40
C THR A 21 -18.48 13.28 3.60
N SER A 22 -19.39 14.26 3.57
CA SER A 22 -19.01 15.67 3.71
C SER A 22 -18.32 15.94 5.05
N ARG A 23 -18.81 15.33 6.13
CA ARG A 23 -18.22 15.54 7.45
C ARG A 23 -16.74 15.18 7.48
N LYS A 24 -16.26 14.35 6.55
CA LYS A 24 -14.89 13.89 6.53
C LYS A 24 -14.02 14.67 5.55
N MET A 25 -14.51 15.79 5.02
CA MET A 25 -13.75 16.65 4.14
C MET A 25 -13.74 18.05 4.73
N VAL A 26 -12.70 18.82 4.41
CA VAL A 26 -12.64 20.21 4.88
C VAL A 26 -13.72 21.02 4.16
N GLU A 27 -14.48 21.81 4.91
CA GLU A 27 -15.58 22.58 4.33
C GLU A 27 -15.07 23.45 3.18
N GLY A 28 -15.89 23.59 2.15
CA GLY A 28 -15.53 24.36 0.97
C GLY A 28 -14.65 23.65 -0.04
N THR A 29 -14.05 22.52 0.31
CA THR A 29 -13.25 21.75 -0.64
C THR A 29 -14.10 21.42 -1.87
N PRO A 30 -13.56 21.59 -3.08
CA PRO A 30 -14.30 21.18 -4.28
C PRO A 30 -14.57 19.68 -4.26
N ARG A 31 -15.72 19.29 -4.83
CA ARG A 31 -16.13 17.90 -4.70
C ARG A 31 -17.10 17.52 -5.81
N THR A 32 -17.16 16.22 -6.07
CA THR A 32 -18.00 15.58 -7.06
C THR A 32 -18.84 14.54 -6.35
N THR A 33 -20.12 14.44 -6.68
CA THR A 33 -21.00 13.47 -6.03
C THR A 33 -20.64 12.05 -6.43
N ALA A 34 -20.42 11.19 -5.42
CA ALA A 34 -20.09 9.78 -5.62
C ALA A 34 -21.18 8.82 -5.15
N THR A 35 -21.96 9.19 -4.14
CA THR A 35 -23.03 8.33 -3.62
C THR A 35 -24.24 9.17 -3.25
N LEU A 36 -25.39 8.50 -3.21
CA LEU A 36 -26.64 9.10 -2.79
C LEU A 36 -27.12 8.46 -1.49
N ASP A 37 -27.90 9.21 -0.72
CA ASP A 37 -28.53 8.63 0.46
C ASP A 37 -29.85 7.96 0.06
N VAL A 38 -30.53 7.38 1.04
CA VAL A 38 -31.78 6.67 0.75
C VAL A 38 -32.87 7.62 0.27
N HIS A 39 -32.72 8.92 0.48
CA HIS A 39 -33.67 9.87 -0.05
C HIS A 39 -33.28 10.35 -1.44
N GLY A 40 -32.22 9.79 -2.01
CA GLY A 40 -31.79 10.15 -3.35
C GLY A 40 -30.99 11.43 -3.44
N GLN A 41 -30.54 11.98 -2.32
CA GLN A 41 -29.74 13.21 -2.35
C GLN A 41 -28.26 12.89 -2.15
N PRO A 42 -27.36 13.68 -2.73
CA PRO A 42 -25.93 13.38 -2.60
C PRO A 42 -25.52 13.26 -1.14
N ASN A 43 -24.67 12.27 -0.84
CA ASN A 43 -24.14 12.16 0.52
C ASN A 43 -22.71 11.64 0.59
N GLY A 44 -22.08 11.26 -0.51
CA GLY A 44 -20.66 10.93 -0.51
C GLY A 44 -20.00 11.58 -1.72
N TYR A 45 -18.74 11.98 -1.52
CA TYR A 45 -18.07 12.84 -2.49
C TYR A 45 -16.64 12.41 -2.75
N MET A 46 -16.16 12.75 -3.93
CA MET A 46 -14.76 12.67 -4.29
C MET A 46 -14.19 14.08 -4.37
N ASN A 47 -13.00 14.28 -3.81
CA ASN A 47 -12.26 15.51 -4.07
C ASN A 47 -11.58 15.39 -5.43
N PRO A 48 -10.95 16.46 -5.94
CA PRO A 48 -10.43 16.39 -7.32
C PRO A 48 -9.39 15.29 -7.54
N ILE A 49 -8.50 15.06 -6.57
CA ILE A 49 -7.53 13.96 -6.70
C ILE A 49 -8.25 12.61 -6.77
N GLN A 50 -9.23 12.41 -5.88
CA GLN A 50 -9.94 11.12 -5.90
C GLN A 50 -10.65 10.89 -7.23
N HIS A 51 -11.27 11.92 -7.79
CA HIS A 51 -11.94 11.73 -9.06
C HIS A 51 -10.95 11.43 -10.18
N SER A 52 -9.84 12.18 -10.22
CA SER A 52 -8.84 11.88 -11.24
C SER A 52 -8.30 10.47 -11.08
N PHE A 53 -8.09 10.02 -9.84
CA PHE A 53 -7.51 8.70 -9.62
C PHE A 53 -8.46 7.60 -10.08
N ILE A 54 -9.74 7.67 -9.67
CA ILE A 54 -10.59 6.54 -10.03
C ILE A 54 -10.86 6.55 -11.53
N SER A 55 -10.94 7.73 -12.14
CA SER A 55 -11.14 7.82 -13.57
C SER A 55 -9.99 7.16 -14.31
N TRP A 56 -8.77 7.44 -13.87
CA TRP A 56 -7.59 6.82 -14.46
C TRP A 56 -7.60 5.31 -14.28
N LEU A 57 -7.92 4.86 -13.06
CA LEU A 57 -7.90 3.44 -12.78
C LEU A 57 -8.95 2.70 -13.60
N LEU A 58 -10.17 3.25 -13.67
CA LEU A 58 -11.25 2.61 -14.44
C LEU A 58 -10.89 2.49 -15.92
N ALA A 59 -10.14 3.47 -16.45
CA ALA A 59 -9.76 3.43 -17.86
C ALA A 59 -8.59 2.50 -18.12
N SER A 60 -7.80 2.18 -17.09
CA SER A 60 -6.50 1.53 -17.25
C SER A 60 -6.47 0.08 -16.82
N ALA A 61 -7.47 -0.37 -16.08
CA ALA A 61 -7.45 -1.68 -15.45
C ALA A 61 -8.89 -2.15 -15.28
N ASP A 62 -9.02 -3.42 -14.94
CA ASP A 62 -10.33 -4.01 -14.64
C ASP A 62 -10.58 -3.81 -13.16
N VAL A 63 -11.52 -2.93 -12.82
CA VAL A 63 -11.69 -2.49 -11.44
C VAL A 63 -12.93 -3.17 -10.87
N VAL A 64 -12.78 -3.82 -9.72
CA VAL A 64 -13.85 -4.55 -9.07
C VAL A 64 -14.05 -4.03 -7.65
N PRO A 65 -15.20 -3.45 -7.32
CA PRO A 65 -15.47 -3.00 -5.94
C PRO A 65 -15.54 -4.18 -4.99
N VAL A 66 -15.08 -3.95 -3.76
CA VAL A 66 -15.13 -4.97 -2.72
C VAL A 66 -15.59 -4.24 -1.46
N THR A 67 -16.88 -4.32 -1.15
CA THR A 67 -17.49 -3.35 -0.24
C THR A 67 -18.35 -4.01 0.85
N ALA A 68 -18.37 -3.36 2.01
CA ALA A 68 -19.33 -3.71 3.07
C ALA A 68 -20.77 -3.35 2.68
N ARG A 69 -20.97 -2.45 1.73
CA ARG A 69 -22.33 -2.03 1.35
C ARG A 69 -23.15 -3.23 0.89
N ASP A 70 -24.42 -3.26 1.28
CA ASP A 70 -25.27 -4.30 0.68
C ASP A 70 -25.67 -3.88 -0.72
N VAL A 71 -26.39 -4.75 -1.42
CA VAL A 71 -26.68 -4.51 -2.84
C VAL A 71 -27.39 -3.18 -3.04
N GLU A 72 -28.39 -2.89 -2.19
CA GLU A 72 -29.12 -1.63 -2.31
C GLU A 72 -28.21 -0.43 -2.07
N ALA A 73 -27.36 -0.50 -1.04
CA ALA A 73 -26.46 0.62 -0.79
C ALA A 73 -25.41 0.73 -1.88
N TYR A 74 -24.95 -0.41 -2.42
CA TYR A 74 -24.04 -0.35 -3.56
C TYR A 74 -24.70 0.29 -4.78
N SER A 75 -26.01 0.08 -4.97
CA SER A 75 -26.66 0.66 -6.12
C SER A 75 -26.74 2.19 -6.04
N ARG A 76 -26.54 2.77 -4.86
CA ARG A 76 -26.50 4.22 -4.69
C ARG A 76 -25.10 4.80 -4.88
N VAL A 77 -24.13 3.97 -5.25
CA VAL A 77 -22.80 4.43 -5.65
C VAL A 77 -22.84 4.77 -7.13
N LYS A 78 -22.52 6.02 -7.46
CA LYS A 78 -22.75 6.57 -8.80
C LYS A 78 -21.46 6.67 -9.60
N LEU A 79 -20.67 5.61 -9.57
CA LEU A 79 -19.43 5.40 -10.30
C LEU A 79 -19.61 4.32 -11.35
N PRO A 80 -19.08 4.51 -12.56
CA PRO A 80 -19.37 3.55 -13.64
C PRO A 80 -18.51 2.31 -13.62
N PHE A 81 -18.70 1.46 -12.60
CA PHE A 81 -18.02 0.17 -12.55
C PHE A 81 -18.64 -0.77 -13.58
N THR A 82 -17.80 -1.48 -14.34
CA THR A 82 -18.29 -2.26 -15.47
C THR A 82 -18.01 -3.75 -15.36
N GLU A 83 -17.37 -4.21 -14.29
CA GLU A 83 -16.93 -5.60 -14.22
C GLU A 83 -17.64 -6.41 -13.13
N GLY A 84 -18.70 -5.87 -12.53
CA GLY A 84 -19.36 -6.61 -11.44
C GLY A 84 -18.81 -6.15 -10.11
N ALA A 85 -19.18 -6.85 -9.04
CA ALA A 85 -18.81 -6.33 -7.73
C ALA A 85 -18.91 -7.40 -6.66
N ILE A 86 -18.18 -7.18 -5.57
CA ILE A 86 -18.32 -7.92 -4.32
C ILE A 86 -18.93 -6.97 -3.30
N CYS A 87 -20.08 -7.36 -2.72
CA CYS A 87 -20.86 -6.56 -1.78
C CYS A 87 -21.02 -7.30 -0.46
N SER A 88 -21.63 -6.61 0.50
CA SER A 88 -22.04 -7.19 1.79
C SER A 88 -20.89 -7.93 2.47
N HIS A 89 -19.72 -7.30 2.50
CA HIS A 89 -18.57 -7.87 3.21
C HIS A 89 -18.18 -9.23 2.64
N GLY A 90 -18.35 -9.41 1.33
CA GLY A 90 -18.04 -10.67 0.68
C GLY A 90 -19.20 -11.65 0.63
N GLY A 91 -20.37 -11.26 1.13
CA GLY A 91 -21.54 -12.15 1.07
C GLY A 91 -22.22 -12.20 -0.28
N VAL A 92 -21.93 -11.27 -1.16
CA VAL A 92 -22.65 -11.14 -2.43
C VAL A 92 -21.64 -10.90 -3.53
N MET A 93 -21.79 -11.60 -4.64
CA MET A 93 -21.11 -11.25 -5.88
C MET A 93 -22.15 -10.85 -6.92
N LEU A 94 -21.88 -9.76 -7.63
CA LEU A 94 -22.76 -9.28 -8.68
C LEU A 94 -22.05 -9.43 -10.02
N HIS A 95 -22.77 -9.91 -11.02
CA HIS A 95 -22.26 -9.89 -12.39
C HIS A 95 -22.13 -8.46 -12.89
N SER A 96 -21.51 -8.32 -14.07
CA SER A 96 -21.30 -7.00 -14.66
C SER A 96 -22.62 -6.26 -14.87
N ASP A 97 -23.70 -6.98 -15.19
CA ASP A 97 -24.99 -6.31 -15.35
C ASP A 97 -25.72 -6.09 -14.04
N GLY A 98 -25.11 -6.44 -12.90
CA GLY A 98 -25.72 -6.18 -11.61
C GLY A 98 -26.55 -7.32 -11.07
N SER A 99 -26.74 -8.37 -11.85
CA SER A 99 -27.52 -9.50 -11.37
C SER A 99 -26.70 -10.30 -10.37
N LEU A 100 -27.41 -11.05 -9.52
CA LEU A 100 -26.78 -11.79 -8.44
C LEU A 100 -26.11 -13.06 -8.95
N ASP A 101 -24.92 -13.35 -8.43
CA ASP A 101 -24.23 -14.58 -8.78
C ASP A 101 -24.86 -15.72 -7.97
N GLN A 102 -25.51 -16.67 -8.68
CA GLN A 102 -26.26 -17.70 -7.99
C GLN A 102 -25.36 -18.72 -7.30
N ASP A 103 -24.21 -19.04 -7.91
CA ASP A 103 -23.29 -20.00 -7.30
C ASP A 103 -22.80 -19.51 -5.95
N TRP A 104 -22.28 -18.28 -5.90
CA TRP A 104 -21.76 -17.76 -4.64
C TRP A 104 -22.86 -17.66 -3.60
N HIS A 105 -24.05 -17.21 -4.04
CA HIS A 105 -25.19 -17.13 -3.14
C HIS A 105 -25.47 -18.48 -2.50
N GLY A 106 -25.40 -19.56 -3.28
CA GLY A 106 -25.54 -20.89 -2.70
C GLY A 106 -24.46 -21.23 -1.70
N GLN A 107 -23.21 -20.91 -2.04
CA GLN A 107 -22.12 -21.22 -1.12
C GLN A 107 -22.22 -20.40 0.16
N MET A 108 -22.66 -19.14 0.05
CA MET A 108 -22.80 -18.30 1.24
C MET A 108 -23.95 -18.77 2.10
N ALA A 109 -25.06 -19.12 1.46
CA ALA A 109 -26.17 -19.69 2.20
C ALA A 109 -25.68 -20.84 3.07
N LYS A 110 -24.86 -21.72 2.50
CA LYS A 110 -24.31 -22.87 3.23
C LYS A 110 -23.49 -22.41 4.44
N SER A 111 -22.59 -21.44 4.25
CA SER A 111 -21.78 -20.97 5.37
C SER A 111 -22.59 -20.23 6.43
N LEU A 112 -23.79 -19.74 6.10
CA LEU A 112 -24.49 -18.81 6.98
C LEU A 112 -25.75 -19.35 7.66
N TRP A 113 -26.22 -20.55 7.32
N TRP A 113 -26.22 -20.56 7.33
CA TRP A 113 -27.52 -20.96 7.86
CA TRP A 113 -27.50 -20.98 7.88
C TRP A 113 -27.46 -21.32 9.35
C TRP A 113 -27.42 -21.18 9.39
N ALA A 114 -26.27 -21.63 9.88
CA ALA A 114 -26.11 -21.79 11.31
C ALA A 114 -26.17 -20.46 12.06
N PHE A 115 -26.16 -19.33 11.36
CA PHE A 115 -26.18 -18.02 11.99
C PHE A 115 -27.51 -17.30 11.83
N GLN A 116 -28.50 -17.88 11.14
CA GLN A 116 -29.65 -17.09 10.73
C GLN A 116 -30.49 -16.63 11.91
N ASP A 117 -30.53 -17.40 13.01
CA ASP A 117 -31.22 -16.95 14.21
C ASP A 117 -30.34 -16.08 15.09
N ARG A 118 -29.04 -16.39 15.16
CA ARG A 118 -28.14 -15.69 16.05
C ARG A 118 -27.96 -14.22 15.66
N LEU A 119 -27.97 -13.91 14.36
CA LEU A 119 -27.68 -12.54 13.94
C LEU A 119 -28.75 -11.54 14.40
N PRO A 120 -30.06 -11.80 14.21
CA PRO A 120 -31.05 -10.88 14.80
C PRO A 120 -30.99 -10.83 16.33
N ALA A 121 -30.68 -11.97 16.95
CA ALA A 121 -30.53 -12.03 18.40
C ALA A 121 -29.35 -11.18 18.86
N LEU A 122 -28.22 -11.28 18.14
CA LEU A 122 -27.01 -10.56 18.53
C LEU A 122 -27.16 -9.05 18.35
N SER A 123 -27.84 -8.62 17.28
CA SER A 123 -28.09 -7.20 17.07
C SER A 123 -28.97 -6.63 18.18
N GLU A 124 -30.09 -7.30 18.47
CA GLU A 124 -30.99 -6.84 19.52
C GLU A 124 -30.28 -6.81 20.87
N ALA A 125 -29.44 -7.82 21.15
CA ALA A 125 -28.74 -7.85 22.43
C ALA A 125 -27.67 -6.76 22.50
N THR A 126 -27.01 -6.48 21.38
CA THR A 126 -26.05 -5.39 21.35
C THR A 126 -26.72 -4.04 21.57
N LEU A 127 -27.85 -3.80 20.89
CA LEU A 127 -28.52 -2.51 21.02
C LEU A 127 -29.10 -2.35 22.42
N ARG A 128 -29.45 -3.45 23.08
CA ARG A 128 -29.91 -3.39 24.46
C ARG A 128 -28.75 -3.14 25.41
N ILE A 129 -27.63 -3.82 25.20
CA ILE A 129 -26.48 -3.65 26.08
C ILE A 129 -25.93 -2.23 25.98
N GLY A 130 -26.04 -1.61 24.81
CA GLY A 130 -25.60 -0.23 24.67
C GLY A 130 -26.53 0.76 25.35
N LYS A 131 -27.84 0.57 25.20
CA LYS A 131 -28.81 1.39 25.91
C LYS A 131 -28.66 1.24 27.43
N ASP A 132 -28.19 0.07 27.88
CA ASP A 132 -27.92 -0.15 29.29
C ASP A 132 -26.67 0.56 29.77
N MET A 133 -25.74 0.87 28.86
CA MET A 133 -24.59 1.70 29.18
C MET A 133 -24.87 3.19 28.99
N GLY A 134 -26.10 3.55 28.60
CA GLY A 134 -26.49 4.93 28.44
C GLY A 134 -26.26 5.52 27.06
N TYR A 135 -25.87 4.70 26.09
CA TYR A 135 -25.50 5.18 24.75
C TYR A 135 -26.67 5.03 23.80
N SER A 136 -27.02 6.13 23.13
CA SER A 136 -27.98 6.09 22.04
C SER A 136 -27.33 5.43 20.82
N LEU A 137 -27.75 4.21 20.52
CA LEU A 137 -27.16 3.45 19.42
C LEU A 137 -28.16 3.33 18.28
N ARG A 138 -27.73 2.60 17.26
CA ARG A 138 -28.50 2.34 16.05
C ARG A 138 -27.89 1.10 15.42
N GLY A 139 -28.72 0.15 15.01
CA GLY A 139 -28.18 -1.10 14.50
C GLY A 139 -29.23 -1.92 13.78
N TRP A 140 -28.75 -2.86 12.97
CA TRP A 140 -29.63 -3.72 12.19
C TRP A 140 -28.84 -4.92 11.67
N VAL A 141 -29.58 -5.88 11.13
CA VAL A 141 -28.97 -7.02 10.46
C VAL A 141 -28.90 -6.72 8.97
N VAL A 142 -27.71 -6.84 8.40
CA VAL A 142 -27.56 -6.69 6.96
C VAL A 142 -27.99 -8.00 6.31
N GLU A 143 -28.93 -7.93 5.38
CA GLU A 143 -29.47 -9.15 4.80
C GLU A 143 -29.73 -8.97 3.31
N GLU A 144 -29.30 -9.95 2.53
CA GLU A 144 -29.70 -10.05 1.15
C GLU A 144 -31.06 -10.74 1.10
N GLU A 145 -31.59 -10.88 -0.12
CA GLU A 145 -32.91 -11.48 -0.27
C GLU A 145 -32.95 -12.85 0.37
N GLY A 146 -33.64 -12.94 1.50
CA GLY A 146 -33.71 -14.16 2.30
C GLY A 146 -32.63 -14.30 3.35
N LEU A 147 -31.37 -14.18 2.94
CA LEU A 147 -30.23 -14.60 3.75
C LEU A 147 -29.66 -13.43 4.54
N ARG A 148 -29.53 -13.61 5.84
CA ARG A 148 -28.94 -12.63 6.75
C ARG A 148 -27.43 -12.82 6.78
N HIS A 149 -26.70 -11.70 6.65
CA HIS A 149 -25.25 -11.72 6.52
C HIS A 149 -24.52 -11.34 7.80
N TYR A 150 -24.72 -10.12 8.30
CA TYR A 150 -23.93 -9.67 9.44
C TYR A 150 -24.66 -8.59 10.20
N VAL A 151 -24.13 -8.27 11.37
CA VAL A 151 -24.71 -7.29 12.27
C VAL A 151 -23.89 -6.02 12.20
N VAL A 152 -24.56 -4.88 12.10
CA VAL A 152 -23.87 -3.59 12.14
C VAL A 152 -24.47 -2.75 13.26
N THR A 153 -23.61 -1.96 13.91
CA THR A 153 -23.98 -1.09 15.02
C THR A 153 -23.28 0.24 14.88
N LYS A 154 -24.02 1.33 15.10
CA LYS A 154 -23.50 2.69 15.04
C LYS A 154 -23.93 3.42 16.31
N GLN A 155 -23.28 4.56 16.59
CA GLN A 155 -23.62 5.35 17.76
C GLN A 155 -24.07 6.75 17.35
N ASN A 156 -24.91 7.36 18.20
CA ASN A 156 -25.49 8.67 17.92
C ASN A 156 -25.00 9.73 18.90
N GLU A 157 -23.74 9.62 19.32
CA GLU A 157 -23.17 10.51 20.32
C GLU A 157 -22.11 11.43 19.77
N SER A 158 -21.74 11.30 18.50
CA SER A 158 -20.55 11.94 17.92
C SER A 158 -19.29 11.53 18.69
N ASP A 159 -19.23 10.25 19.08
CA ASP A 159 -18.12 9.74 19.89
C ASP A 159 -17.91 8.26 19.53
N ASP A 160 -17.03 8.01 18.56
CA ASP A 160 -16.76 6.65 18.11
C ASP A 160 -16.12 5.78 19.20
N ALA A 161 -15.57 6.40 20.25
CA ALA A 161 -15.04 5.63 21.38
C ALA A 161 -16.11 4.78 22.04
N VAL A 162 -17.38 5.18 21.95
CA VAL A 162 -18.50 4.43 22.51
C VAL A 162 -18.48 2.98 22.01
N LEU A 163 -18.26 2.81 20.70
CA LEU A 163 -18.35 1.49 20.09
C LEU A 163 -17.23 0.56 20.58
N SER A 164 -16.05 1.12 20.88
CA SER A 164 -14.96 0.29 21.39
C SER A 164 -15.31 -0.26 22.77
N LYS A 165 -16.06 0.52 23.56
CA LYS A 165 -16.48 0.06 24.87
C LYS A 165 -17.49 -1.08 24.74
N VAL A 166 -18.52 -0.89 23.92
CA VAL A 166 -19.51 -1.94 23.69
C VAL A 166 -18.82 -3.20 23.19
N LEU A 167 -17.88 -3.06 22.25
CA LEU A 167 -17.12 -4.20 21.76
C LEU A 167 -16.40 -4.92 22.91
N ALA A 168 -15.90 -4.16 23.88
CA ALA A 168 -15.19 -4.77 25.00
C ALA A 168 -16.12 -5.67 25.81
N GLU A 169 -17.34 -5.22 26.06
CA GLU A 169 -18.23 -6.00 26.92
C GLU A 169 -18.86 -7.17 26.17
N VAL A 170 -19.27 -6.96 24.92
CA VAL A 170 -19.78 -8.07 24.10
C VAL A 170 -18.72 -9.17 24.02
N GLN A 171 -17.46 -8.78 23.85
CA GLN A 171 -16.35 -9.74 23.89
C GLN A 171 -16.29 -10.45 25.22
N ALA A 172 -16.49 -9.71 26.31
CA ALA A 172 -16.47 -10.31 27.65
C ALA A 172 -17.59 -11.32 27.80
N ARG A 173 -18.83 -10.91 27.53
CA ARG A 173 -19.99 -11.79 27.64
C ARG A 173 -19.95 -12.94 26.64
N GLY A 174 -18.86 -13.11 25.89
CA GLY A 174 -18.68 -14.25 25.03
C GLY A 174 -19.61 -14.33 23.84
N MET A 175 -20.25 -13.22 23.47
CA MET A 175 -21.27 -13.25 22.43
C MET A 175 -20.70 -13.36 21.01
N LEU A 176 -19.38 -13.43 20.85
CA LEU A 176 -18.75 -13.31 19.54
C LEU A 176 -17.91 -14.54 19.17
N GLU A 177 -18.10 -15.67 19.85
CA GLU A 177 -17.38 -16.88 19.46
C GLU A 177 -17.81 -17.32 18.06
N GLY A 178 -16.84 -17.78 17.28
CA GLY A 178 -17.10 -18.16 15.91
C GLY A 178 -17.31 -17.01 14.95
N MET A 179 -16.99 -15.79 15.35
CA MET A 179 -17.21 -14.61 14.52
C MET A 179 -15.95 -13.74 14.54
N HIS A 180 -15.90 -12.79 13.61
CA HIS A 180 -14.82 -11.81 13.57
C HIS A 180 -15.42 -10.42 13.45
N ILE A 181 -14.59 -9.38 13.66
CA ILE A 181 -15.16 -8.05 13.85
C ILE A 181 -14.51 -7.05 12.90
N HIS A 182 -15.27 -6.02 12.58
CA HIS A 182 -14.77 -4.87 11.86
C HIS A 182 -15.15 -3.61 12.63
N ALA A 183 -14.17 -2.75 12.89
CA ALA A 183 -14.40 -1.47 13.54
C ALA A 183 -13.58 -0.41 12.83
N ASN A 184 -14.25 0.58 12.25
CA ASN A 184 -13.59 1.75 11.69
C ASN A 184 -14.58 2.91 11.72
N GLY A 185 -14.21 4.00 12.39
CA GLY A 185 -15.11 5.13 12.45
C GLY A 185 -16.39 4.77 13.18
N ASN A 186 -17.49 5.38 12.75
CA ASN A 186 -18.79 5.14 13.36
C ASN A 186 -19.44 3.91 12.71
N ASN A 187 -18.83 2.75 12.97
CA ASN A 187 -19.23 1.48 12.37
C ASN A 187 -18.56 0.32 13.10
N LEU A 188 -19.38 -0.53 13.72
CA LEU A 188 -18.90 -1.74 14.40
C LEU A 188 -19.72 -2.91 13.86
N ALA A 189 -19.04 -3.86 13.23
CA ALA A 189 -19.71 -4.96 12.55
C ALA A 189 -19.25 -6.31 13.09
N PHE A 190 -20.20 -7.22 13.27
CA PHE A 190 -19.91 -8.57 13.71
C PHE A 190 -20.19 -9.54 12.57
N LEU A 191 -19.18 -10.29 12.14
CA LEU A 191 -19.26 -11.07 10.92
C LEU A 191 -19.09 -12.55 11.23
N PRO A 192 -19.97 -13.42 10.73
CA PRO A 192 -19.74 -14.87 10.83
C PRO A 192 -18.43 -15.26 10.16
N LYS A 193 -17.88 -16.39 10.60
CA LYS A 193 -16.58 -16.86 10.09
C LYS A 193 -16.56 -16.96 8.57
N GLY A 194 -17.60 -17.53 7.98
CA GLY A 194 -17.57 -17.70 6.54
C GLY A 194 -17.94 -16.48 5.73
N LEU A 195 -17.99 -15.31 6.35
CA LEU A 195 -18.32 -14.06 5.66
C LEU A 195 -17.09 -13.17 5.72
N ALA A 196 -16.48 -12.91 4.57
CA ALA A 196 -15.30 -12.05 4.55
C ALA A 196 -15.04 -11.59 3.13
N LYS A 197 -14.65 -10.32 2.97
CA LYS A 197 -14.17 -9.86 1.67
C LYS A 197 -13.09 -10.81 1.14
N ARG A 198 -12.22 -11.31 2.02
CA ARG A 198 -11.14 -12.20 1.58
C ARG A 198 -11.67 -13.44 0.88
N LEU A 199 -12.74 -14.03 1.41
CA LEU A 199 -13.24 -15.27 0.79
C LEU A 199 -13.82 -15.00 -0.59
N ALA A 200 -14.52 -13.88 -0.75
CA ALA A 200 -15.09 -13.59 -2.06
C ALA A 200 -14.00 -13.22 -3.05
N VAL A 201 -13.00 -12.45 -2.62
CA VAL A 201 -11.91 -12.12 -3.54
C VAL A 201 -11.16 -13.38 -3.93
N GLN A 202 -10.91 -14.28 -2.97
CA GLN A 202 -10.27 -15.55 -3.29
C GLN A 202 -11.05 -16.31 -4.36
N GLU A 203 -12.37 -16.31 -4.27
CA GLU A 203 -13.15 -17.02 -5.29
C GLU A 203 -13.12 -16.26 -6.61
N TRP A 204 -13.17 -14.93 -6.56
CA TRP A 204 -13.12 -14.15 -7.79
C TRP A 204 -11.84 -14.44 -8.55
N LEU A 205 -10.70 -14.52 -7.82
CA LEU A 205 -9.41 -14.84 -8.44
C LEU A 205 -9.38 -16.25 -9.00
N ARG A 206 -9.98 -17.22 -8.29
CA ARG A 206 -10.02 -18.59 -8.81
C ARG A 206 -10.73 -18.62 -10.16
N ARG A 207 -11.88 -17.93 -10.25
CA ARG A 207 -12.60 -17.86 -11.53
C ARG A 207 -11.79 -17.14 -12.60
N ASP A 208 -11.17 -16.02 -12.24
CA ASP A 208 -10.44 -15.22 -13.22
C ASP A 208 -9.27 -15.99 -13.81
N ALA A 209 -8.59 -16.78 -13.00
CA ALA A 209 -7.42 -17.50 -13.48
C ALA A 209 -7.77 -18.49 -14.58
N LYS A 210 -9.00 -19.00 -14.59
CA LYS A 210 -9.40 -19.94 -15.64
C LYS A 210 -9.61 -19.23 -16.98
N ILE A 211 -9.83 -17.93 -16.96
CA ILE A 211 -10.05 -17.13 -18.17
C ILE A 211 -8.80 -16.39 -18.59
N ASN A 212 -8.09 -15.83 -17.63
CA ASN A 212 -7.02 -14.89 -17.92
C ASN A 212 -5.68 -15.33 -17.35
N GLY A 213 -5.60 -16.54 -16.81
CA GLY A 213 -4.38 -16.99 -16.18
C GLY A 213 -3.92 -16.02 -15.11
N ASP A 214 -2.61 -15.93 -14.94
CA ASP A 214 -2.01 -15.15 -13.86
C ASP A 214 -1.67 -13.76 -14.39
N ARG A 215 -2.35 -12.75 -13.89
CA ARG A 215 -2.15 -11.37 -14.28
C ARG A 215 -1.99 -10.54 -13.02
N PRO A 216 -1.42 -9.33 -13.12
CA PRO A 216 -1.19 -8.55 -11.89
C PRO A 216 -2.49 -8.23 -11.17
N VAL A 217 -2.47 -8.42 -9.84
CA VAL A 217 -3.61 -8.16 -8.98
C VAL A 217 -3.20 -7.10 -7.95
N LEU A 218 -3.94 -6.00 -7.90
CA LEU A 218 -3.70 -4.90 -6.98
C LEU A 218 -4.90 -4.74 -6.04
N GLY A 219 -4.63 -4.49 -4.76
CA GLY A 219 -5.75 -4.31 -3.85
C GLY A 219 -5.65 -2.96 -3.16
N PHE A 220 -6.76 -2.23 -3.05
CA PHE A 220 -6.78 -0.90 -2.44
C PHE A 220 -7.82 -0.88 -1.32
N GLY A 221 -7.42 -0.48 -0.12
CA GLY A 221 -8.36 -0.42 0.98
C GLY A 221 -7.86 0.49 2.08
N ASP A 222 -8.79 0.98 2.91
CA ASP A 222 -8.46 1.92 3.98
C ASP A 222 -8.51 1.31 5.37
N SER A 223 -9.24 0.22 5.57
CA SER A 223 -9.44 -0.34 6.89
C SER A 223 -8.41 -1.41 7.18
N ILE A 224 -8.06 -1.56 8.46
CA ILE A 224 -7.18 -2.65 8.86
C ILE A 224 -7.76 -4.00 8.42
N THR A 225 -9.08 -4.16 8.51
CA THR A 225 -9.67 -5.43 8.11
C THR A 225 -9.65 -5.62 6.59
N ASP A 226 -9.46 -4.55 5.82
CA ASP A 226 -9.27 -4.73 4.38
C ASP A 226 -7.99 -5.48 4.05
N LEU A 227 -7.05 -5.59 5.00
CA LEU A 227 -5.84 -6.36 4.75
C LEU A 227 -6.14 -7.81 4.42
N GLY A 228 -7.30 -8.33 4.85
CA GLY A 228 -7.68 -9.68 4.48
C GLY A 228 -7.67 -9.88 2.98
N PHE A 229 -8.49 -9.14 2.24
CA PHE A 229 -8.48 -9.37 0.79
C PHE A 229 -7.24 -8.78 0.14
N MET A 230 -6.71 -7.69 0.67
CA MET A 230 -5.52 -7.08 0.07
C MET A 230 -4.32 -8.01 0.11
N GLY A 231 -4.22 -8.88 1.11
CA GLY A 231 -3.12 -9.83 1.18
C GLY A 231 -3.16 -10.92 0.11
N LEU A 232 -4.26 -11.03 -0.63
CA LEU A 232 -4.37 -11.95 -1.77
C LEU A 232 -3.82 -11.35 -3.04
N CYS A 233 -3.48 -10.08 -3.02
CA CYS A 233 -3.05 -9.36 -4.21
C CYS A 233 -1.54 -9.38 -4.31
N HIS A 234 -1.03 -9.06 -5.51
CA HIS A 234 0.43 -9.01 -5.64
C HIS A 234 1.01 -7.77 -4.98
N MET A 235 0.26 -6.69 -4.98
CA MET A 235 0.61 -5.43 -4.37
C MET A 235 -0.64 -4.90 -3.71
N TRP A 236 -0.52 -4.29 -2.53
CA TRP A 236 -1.69 -3.67 -1.96
C TRP A 236 -1.35 -2.22 -1.64
N ALA A 237 -2.40 -1.41 -1.56
CA ALA A 237 -2.25 0.05 -1.47
C ALA A 237 -3.30 0.63 -0.52
N THR A 238 -3.00 1.81 0.01
CA THR A 238 -3.93 2.42 0.96
C THR A 238 -3.81 3.93 0.87
N PRO A 239 -4.89 4.67 1.11
CA PRO A 239 -4.79 6.14 1.19
C PRO A 239 -3.88 6.56 2.32
N ALA A 240 -3.19 7.69 2.11
CA ALA A 240 -2.17 8.13 3.04
C ALA A 240 -2.69 8.33 4.46
N ARG A 241 -3.95 8.73 4.65
CA ARG A 241 -4.45 9.00 6.00
C ARG A 241 -5.52 8.00 6.44
N SER A 242 -5.51 6.80 5.88
CA SER A 242 -6.48 5.78 6.23
C SER A 242 -6.23 5.25 7.65
N GLN A 243 -7.22 4.51 8.16
CA GLN A 243 -7.03 3.81 9.42
C GLN A 243 -5.79 2.89 9.36
N LEU A 244 -5.64 2.16 8.26
CA LEU A 244 -4.47 1.30 8.07
C LEU A 244 -3.17 2.10 8.08
N ALA A 245 -3.10 3.17 7.28
CA ALA A 245 -1.88 3.98 7.22
C ALA A 245 -1.53 4.58 8.57
N LYS A 246 -2.54 4.99 9.33
CA LYS A 246 -2.29 5.57 10.65
C LYS A 246 -1.74 4.51 11.61
N ALA A 247 -2.23 3.29 11.51
CA ALA A 247 -1.71 2.19 12.32
C ALA A 247 -0.28 1.87 11.94
N VAL A 248 0.04 1.92 10.64
CA VAL A 248 1.41 1.66 10.21
C VAL A 248 2.34 2.75 10.73
N GLU A 249 1.87 4.00 10.68
CA GLU A 249 2.62 5.12 11.23
C GLU A 249 3.00 4.87 12.69
N GLU A 250 2.05 4.39 13.50
CA GLU A 250 2.29 4.17 14.92
C GLU A 250 3.29 3.06 15.19
N MET A 251 3.30 2.03 14.35
CA MET A 251 4.26 0.92 14.42
C MET A 251 5.73 1.35 14.25
N GLY B 1 -8.70 25.07 -12.12
CA GLY B 1 -8.94 24.42 -13.40
C GLY B 1 -7.79 23.49 -13.72
N HIS B 2 -7.72 22.99 -14.94
CA HIS B 2 -6.74 21.96 -15.28
C HIS B 2 -5.52 22.59 -15.94
N MET B 3 -4.35 22.10 -15.57
CA MET B 3 -3.09 22.56 -16.14
C MET B 3 -2.16 21.37 -16.31
N GLY B 4 -1.50 21.31 -17.47
CA GLY B 4 -0.52 20.25 -17.68
C GLY B 4 -1.19 18.88 -17.79
N THR B 5 -0.49 17.86 -17.30
CA THR B 5 -1.01 16.50 -17.37
C THR B 5 -1.70 16.13 -16.07
N ASN B 6 -2.74 15.30 -16.20
CA ASN B 6 -3.47 14.81 -15.04
C ASN B 6 -3.26 13.31 -14.81
N ARG B 7 -2.37 12.67 -15.58
CA ARG B 7 -2.00 11.28 -15.32
C ARG B 7 -1.25 11.19 -13.99
N PRO B 8 -1.34 10.06 -13.30
CA PRO B 8 -0.68 9.95 -12.00
C PRO B 8 0.82 10.08 -12.13
N LEU B 9 1.42 10.65 -11.11
CA LEU B 9 2.88 10.63 -10.93
C LEU B 9 3.17 9.50 -9.95
N VAL B 10 3.97 8.53 -10.38
CA VAL B 10 4.20 7.31 -9.60
C VAL B 10 5.67 7.22 -9.27
N PHE B 11 6.01 7.29 -7.99
CA PHE B 11 7.37 7.09 -7.52
C PHE B 11 7.54 5.62 -7.15
N VAL B 12 8.52 4.96 -7.76
CA VAL B 12 8.72 3.53 -7.53
C VAL B 12 10.12 3.29 -7.00
N ASP B 13 10.21 2.62 -5.86
CA ASP B 13 11.44 1.95 -5.47
C ASP B 13 11.81 0.89 -6.51
N LEU B 14 13.10 0.52 -6.56
CA LEU B 14 13.55 -0.46 -7.55
C LEU B 14 13.80 -1.85 -6.97
N ASP B 15 14.93 -2.05 -6.28
CA ASP B 15 15.28 -3.39 -5.82
C ASP B 15 14.22 -3.92 -4.84
N ASP B 16 13.76 -5.14 -5.07
CA ASP B 16 12.77 -5.85 -4.26
C ASP B 16 11.39 -5.24 -4.34
N THR B 17 11.19 -4.24 -5.19
CA THR B 17 9.87 -3.76 -5.52
C THR B 17 9.50 -4.12 -6.96
N LEU B 18 10.36 -3.80 -7.92
CA LEU B 18 10.09 -4.15 -9.31
C LEU B 18 10.81 -5.40 -9.80
N PHE B 19 11.84 -5.86 -9.10
CA PHE B 19 12.69 -6.97 -9.54
C PHE B 19 13.52 -7.40 -8.35
N GLN B 20 14.24 -8.52 -8.51
CA GLN B 20 15.12 -9.02 -7.45
C GLN B 20 16.19 -9.94 -8.03
N THR B 21 17.19 -10.26 -7.21
CA THR B 21 18.23 -11.17 -7.61
C THR B 21 17.70 -12.60 -7.68
N SER B 22 18.48 -13.47 -8.33
CA SER B 22 18.09 -14.87 -8.52
C SER B 22 17.93 -15.59 -7.19
N ARG B 23 18.80 -15.30 -6.21
CA ARG B 23 18.71 -15.96 -4.91
C ARG B 23 17.37 -15.72 -4.23
N LYS B 24 16.64 -14.67 -4.62
CA LYS B 24 15.37 -14.32 -4.00
C LYS B 24 14.17 -14.80 -4.79
N MET B 25 14.38 -15.66 -5.78
CA MET B 25 13.28 -16.24 -6.55
C MET B 25 13.41 -17.76 -6.47
N VAL B 26 12.29 -18.46 -6.62
CA VAL B 26 12.32 -19.91 -6.62
C VAL B 26 13.00 -20.40 -7.90
N GLU B 27 13.95 -21.33 -7.76
CA GLU B 27 14.71 -21.81 -8.90
C GLU B 27 13.76 -22.31 -10.00
N GLY B 28 14.15 -22.06 -11.26
CA GLY B 28 13.35 -22.44 -12.40
C GLY B 28 12.20 -21.50 -12.76
N THR B 29 11.84 -20.58 -11.87
CA THR B 29 10.80 -19.60 -12.18
C THR B 29 11.17 -18.85 -13.45
N PRO B 30 10.21 -18.66 -14.38
CA PRO B 30 10.49 -17.85 -15.56
C PRO B 30 10.85 -16.42 -15.19
N ARG B 31 11.74 -15.81 -15.97
CA ARG B 31 12.25 -14.50 -15.58
C ARG B 31 12.78 -13.74 -16.79
N THR B 32 12.82 -12.42 -16.62
CA THR B 32 13.28 -11.44 -17.59
C THR B 32 14.38 -10.63 -16.94
N THR B 33 15.44 -10.34 -17.67
CA THR B 33 16.56 -9.59 -17.11
C THR B 33 16.17 -8.13 -16.88
N ALA B 34 16.39 -7.66 -15.65
CA ALA B 34 16.09 -6.28 -15.27
C ALA B 34 17.32 -5.45 -14.93
N THR B 35 18.40 -6.07 -14.44
CA THR B 35 19.63 -5.34 -14.10
C THR B 35 20.83 -6.19 -14.47
N LEU B 36 21.96 -5.51 -14.64
CA LEU B 36 23.24 -6.14 -14.91
C LEU B 36 24.20 -5.89 -13.75
N ASP B 37 25.16 -6.81 -13.60
CA ASP B 37 26.20 -6.59 -12.59
C ASP B 37 27.34 -5.76 -13.21
N VAL B 38 28.38 -5.49 -12.40
CA VAL B 38 29.46 -4.64 -12.89
C VAL B 38 30.23 -5.32 -14.00
N HIS B 39 30.10 -6.63 -14.16
CA HIS B 39 30.73 -7.31 -15.29
C HIS B 39 29.85 -7.35 -16.51
N GLY B 40 28.68 -6.70 -16.46
CA GLY B 40 27.79 -6.65 -17.59
C GLY B 40 26.93 -7.88 -17.79
N GLN B 41 26.87 -8.78 -16.80
CA GLN B 41 26.04 -9.98 -16.92
C GLN B 41 24.75 -9.82 -16.13
N PRO B 42 23.66 -10.45 -16.56
CA PRO B 42 22.38 -10.29 -15.84
C PRO B 42 22.53 -10.67 -14.38
N ASN B 43 21.93 -9.86 -13.49
CA ASN B 43 21.93 -10.22 -12.07
C ASN B 43 20.66 -9.83 -11.33
N GLY B 44 19.69 -9.17 -11.95
CA GLY B 44 18.40 -8.95 -11.34
C GLY B 44 17.31 -9.22 -12.35
N TYR B 45 16.19 -9.74 -11.87
CA TYR B 45 15.17 -10.29 -12.75
C TYR B 45 13.77 -9.89 -12.31
N MET B 46 12.87 -9.88 -13.28
CA MET B 46 11.42 -9.76 -13.09
C MET B 46 10.78 -11.10 -13.38
N ASN B 47 9.87 -11.54 -12.52
CA ASN B 47 9.02 -12.68 -12.87
C ASN B 47 7.89 -12.18 -13.78
N PRO B 48 7.07 -13.07 -14.33
CA PRO B 48 6.10 -12.59 -15.34
C PRO B 48 5.12 -11.54 -14.82
N ILE B 49 4.66 -11.68 -13.57
CA ILE B 49 3.77 -10.66 -12.99
C ILE B 49 4.48 -9.32 -12.88
N GLN B 50 5.72 -9.33 -12.40
CA GLN B 50 6.45 -8.08 -12.26
C GLN B 50 6.64 -7.38 -13.61
N HIS B 51 6.96 -8.16 -14.65
CA HIS B 51 7.16 -7.54 -15.95
C HIS B 51 5.84 -6.97 -16.48
N SER B 52 4.75 -7.72 -16.36
CA SER B 52 3.46 -7.19 -16.78
C SER B 52 3.10 -5.93 -16.01
N PHE B 53 3.38 -5.92 -14.71
CA PHE B 53 3.00 -4.77 -13.90
C PHE B 53 3.79 -3.52 -14.29
N ILE B 54 5.11 -3.64 -14.42
CA ILE B 54 5.85 -2.41 -14.69
C ILE B 54 5.57 -1.93 -16.10
N SER B 55 5.36 -2.86 -17.03
CA SER B 55 5.03 -2.47 -18.40
C SER B 55 3.72 -1.68 -18.42
N TRP B 56 2.73 -2.15 -17.68
CA TRP B 56 1.45 -1.45 -17.58
C TRP B 56 1.62 -0.08 -16.95
N LEU B 57 2.37 -0.03 -15.84
CA LEU B 57 2.56 1.23 -15.15
C LEU B 57 3.28 2.26 -16.03
N LEU B 58 4.36 1.83 -16.70
CA LEU B 58 5.11 2.74 -17.57
C LEU B 58 4.27 3.29 -18.69
N ALA B 59 3.31 2.51 -19.19
CA ALA B 59 2.45 2.96 -20.28
C ALA B 59 1.31 3.84 -19.79
N SER B 60 0.99 3.79 -18.49
CA SER B 60 -0.26 4.37 -17.98
C SER B 60 -0.05 5.61 -17.13
N ALA B 61 1.18 5.88 -16.70
CA ALA B 61 1.47 6.90 -15.73
C ALA B 61 2.90 7.39 -15.95
N ASP B 62 3.22 8.50 -15.30
CA ASP B 62 4.58 9.04 -15.33
C ASP B 62 5.35 8.39 -14.18
N VAL B 63 6.28 7.50 -14.51
CA VAL B 63 6.91 6.66 -13.50
C VAL B 63 8.32 7.20 -13.21
N VAL B 64 8.63 7.43 -11.95
CA VAL B 64 9.92 8.00 -11.53
C VAL B 64 10.57 7.07 -10.52
N PRO B 65 11.74 6.48 -10.83
CA PRO B 65 12.44 5.65 -9.86
C PRO B 65 12.92 6.47 -8.68
N VAL B 66 12.90 5.84 -7.50
CA VAL B 66 13.41 6.48 -6.27
C VAL B 66 14.25 5.42 -5.57
N THR B 67 15.57 5.48 -5.72
CA THR B 67 16.40 4.31 -5.46
C THR B 67 17.64 4.63 -4.62
N ALA B 68 18.03 3.65 -3.80
CA ALA B 68 19.32 3.71 -3.12
C ALA B 68 20.51 3.58 -4.08
N ARG B 69 20.30 3.02 -5.27
CA ARG B 69 21.40 2.85 -6.22
C ARG B 69 22.06 4.18 -6.55
N ASP B 70 23.40 4.18 -6.65
CA ASP B 70 24.03 5.38 -7.16
C ASP B 70 23.87 5.43 -8.67
N VAL B 71 24.36 6.52 -9.27
CA VAL B 71 24.09 6.77 -10.69
C VAL B 71 24.59 5.62 -11.54
N GLU B 72 25.81 5.15 -11.26
CA GLU B 72 26.37 4.04 -12.03
C GLU B 72 25.53 2.77 -11.86
N ALA B 73 25.13 2.45 -10.63
CA ALA B 73 24.31 1.25 -10.44
C ALA B 73 22.93 1.42 -11.05
N TYR B 74 22.38 2.64 -11.00
CA TYR B 74 21.12 2.91 -11.68
C TYR B 74 21.27 2.72 -13.19
N SER B 75 22.43 3.05 -13.75
CA SER B 75 22.59 2.91 -15.19
C SER B 75 22.59 1.44 -15.63
N ARG B 76 22.78 0.50 -14.70
CA ARG B 76 22.72 -0.92 -15.01
C ARG B 76 21.32 -1.51 -14.84
N VAL B 77 20.34 -0.65 -14.56
CA VAL B 77 18.93 -1.03 -14.56
C VAL B 77 18.41 -0.90 -15.99
N LYS B 78 17.93 -2.00 -16.56
CA LYS B 78 17.63 -2.10 -17.99
C LYS B 78 16.12 -2.01 -18.26
N LEU B 79 15.47 -1.05 -17.63
CA LEU B 79 14.06 -0.71 -17.75
C LEU B 79 13.92 0.66 -18.39
N PRO B 80 12.97 0.84 -19.32
CA PRO B 80 12.91 2.10 -20.09
C PRO B 80 12.19 3.21 -19.35
N PHE B 81 12.78 3.70 -18.26
CA PHE B 81 12.25 4.87 -17.57
C PHE B 81 12.51 6.12 -18.41
N THR B 82 11.51 6.98 -18.55
CA THR B 82 11.60 8.10 -19.47
C THR B 82 11.45 9.46 -18.81
N GLU B 83 11.26 9.53 -17.50
CA GLU B 83 10.97 10.79 -16.83
C GLU B 83 12.08 11.25 -15.89
N GLY B 84 13.25 10.62 -15.91
CA GLY B 84 14.30 11.00 -14.97
C GLY B 84 14.23 10.12 -13.74
N ALA B 85 15.01 10.47 -12.71
CA ALA B 85 15.12 9.55 -11.58
C ALA B 85 15.65 10.24 -10.35
N ILE B 86 15.36 9.64 -9.18
CA ILE B 86 15.98 9.96 -7.92
C ILE B 86 16.87 8.78 -7.54
N CYS B 87 18.15 9.04 -7.31
CA CYS B 87 19.17 8.03 -7.02
C CYS B 87 19.85 8.34 -5.69
N SER B 88 20.70 7.40 -5.28
CA SER B 88 21.59 7.57 -4.13
C SER B 88 20.82 7.99 -2.87
N HIS B 89 19.70 7.31 -2.61
CA HIS B 89 18.92 7.57 -1.40
C HIS B 89 18.43 9.02 -1.34
N GLY B 90 18.13 9.61 -2.50
CA GLY B 90 17.68 10.98 -2.57
C GLY B 90 18.80 11.99 -2.70
N GLY B 91 20.05 11.55 -2.82
CA GLY B 91 21.18 12.47 -3.00
C GLY B 91 21.33 12.99 -4.42
N VAL B 92 20.68 12.36 -5.38
CA VAL B 92 20.88 12.69 -6.79
C VAL B 92 19.52 12.75 -7.47
N MET B 93 19.31 13.77 -8.29
CA MET B 93 18.20 13.80 -9.24
C MET B 93 18.77 13.80 -10.65
N LEU B 94 18.23 12.95 -11.52
CA LEU B 94 18.62 12.89 -12.92
C LEU B 94 17.49 13.41 -13.79
N HIS B 95 17.83 14.22 -14.79
CA HIS B 95 16.86 14.61 -15.79
C HIS B 95 16.47 13.40 -16.64
N SER B 96 15.46 13.60 -17.49
CA SER B 96 14.96 12.53 -18.35
C SER B 96 16.08 11.97 -19.24
N ASP B 97 17.01 12.82 -19.69
CA ASP B 97 18.11 12.32 -20.51
C ASP B 97 19.25 11.74 -19.68
N GLY B 98 19.12 11.67 -18.36
CA GLY B 98 20.12 11.06 -17.52
C GLY B 98 21.16 12.02 -17.00
N SER B 99 21.12 13.28 -17.41
CA SER B 99 22.09 14.24 -16.91
C SER B 99 21.74 14.64 -15.48
N LEU B 100 22.75 15.11 -14.76
CA LEU B 100 22.60 15.44 -13.36
C LEU B 100 21.87 16.77 -13.17
N ASP B 101 20.97 16.80 -12.20
CA ASP B 101 20.27 18.03 -11.85
C ASP B 101 21.22 18.89 -11.02
N GLN B 102 21.63 20.05 -11.56
CA GLN B 102 22.65 20.87 -10.91
C GLN B 102 22.11 21.56 -9.67
N ASP B 103 20.84 21.98 -9.69
CA ASP B 103 20.25 22.64 -8.52
C ASP B 103 20.25 21.72 -7.30
N TRP B 104 19.71 20.51 -7.47
CA TRP B 104 19.66 19.60 -6.33
C TRP B 104 21.06 19.23 -5.86
N HIS B 105 21.97 19.03 -6.82
CA HIS B 105 23.35 18.73 -6.47
C HIS B 105 23.92 19.82 -5.56
N GLY B 106 23.63 21.09 -5.87
CA GLY B 106 24.06 22.17 -5.01
C GLY B 106 23.42 22.13 -3.63
N GLN B 107 22.12 21.85 -3.58
CA GLN B 107 21.46 21.79 -2.28
C GLN B 107 21.96 20.63 -1.45
N MET B 108 22.25 19.49 -2.10
CA MET B 108 22.76 18.32 -1.37
C MET B 108 24.17 18.56 -0.89
N ALA B 109 24.99 19.17 -1.74
CA ALA B 109 26.32 19.53 -1.30
C ALA B 109 26.26 20.33 -0.01
N LYS B 110 25.34 21.30 0.07
CA LYS B 110 25.17 22.10 1.27
C LYS B 110 24.79 21.26 2.48
N SER B 111 23.83 20.34 2.32
CA SER B 111 23.45 19.49 3.45
C SER B 111 24.55 18.51 3.86
N LEU B 112 25.52 18.21 2.98
CA LEU B 112 26.43 17.09 3.21
C LEU B 112 27.88 17.45 3.52
N TRP B 113 28.28 18.72 3.42
N TRP B 113 28.28 18.71 3.40
CA TRP B 113 29.71 18.99 3.53
CA TRP B 113 29.71 18.99 3.54
C TRP B 113 30.22 18.88 4.96
C TRP B 113 30.19 18.70 4.95
N ALA B 114 29.35 18.96 5.96
CA ALA B 114 29.71 18.66 7.33
C ALA B 114 29.94 17.17 7.58
N PHE B 115 29.60 16.32 6.62
CA PHE B 115 29.77 14.88 6.76
C PHE B 115 30.91 14.32 5.91
N GLN B 116 31.60 15.16 5.14
CA GLN B 116 32.49 14.61 4.11
C GLN B 116 33.68 13.87 4.70
N ASP B 117 34.14 14.24 5.89
CA ASP B 117 35.20 13.48 6.55
C ASP B 117 34.65 12.32 7.37
N ARG B 118 33.49 12.52 8.00
CA ARG B 118 32.92 11.52 8.89
C ARG B 118 32.52 10.25 8.14
N LEU B 119 32.04 10.36 6.90
CA LEU B 119 31.55 9.18 6.21
C LEU B 119 32.64 8.16 5.92
N PRO B 120 33.81 8.53 5.36
CA PRO B 120 34.88 7.53 5.23
C PRO B 120 35.37 7.01 6.58
N ALA B 121 35.39 7.88 7.60
CA ALA B 121 35.76 7.46 8.94
C ALA B 121 34.78 6.44 9.50
N LEU B 122 33.49 6.68 9.31
CA LEU B 122 32.45 5.81 9.87
C LEU B 122 32.44 4.45 9.18
N SER B 123 32.67 4.42 7.86
CA SER B 123 32.73 3.15 7.14
C SER B 123 33.92 2.31 7.62
N GLU B 124 35.10 2.93 7.67
CA GLU B 124 36.29 2.21 8.13
C GLU B 124 36.11 1.71 9.56
N ALA B 125 35.50 2.53 10.43
CA ALA B 125 35.31 2.13 11.81
C ALA B 125 34.27 1.01 11.93
N THR B 126 33.23 1.05 11.08
CA THR B 126 32.26 -0.03 11.07
C THR B 126 32.89 -1.34 10.59
N LEU B 127 33.67 -1.28 9.50
CA LEU B 127 34.26 -2.50 8.98
C LEU B 127 35.30 -3.07 9.95
N ARG B 128 35.93 -2.20 10.74
CA ARG B 128 36.86 -2.66 11.77
C ARG B 128 36.11 -3.27 12.95
N ILE B 129 35.02 -2.63 13.38
CA ILE B 129 34.26 -3.14 14.52
C ILE B 129 33.63 -4.48 14.18
N GLY B 130 33.26 -4.70 12.92
CA GLY B 130 32.73 -5.99 12.51
C GLY B 130 33.78 -7.09 12.47
N LYS B 131 34.96 -6.77 11.93
CA LYS B 131 36.07 -7.72 11.95
C LYS B 131 36.48 -8.07 13.37
N ASP B 132 36.28 -7.13 14.31
CA ASP B 132 36.55 -7.37 15.72
C ASP B 132 35.51 -8.28 16.36
N MET B 133 34.30 -8.34 15.80
CA MET B 133 33.29 -9.29 16.23
C MET B 133 33.39 -10.62 15.49
N GLY B 134 34.38 -10.77 14.61
CA GLY B 134 34.60 -12.02 13.89
C GLY B 134 33.86 -12.15 12.58
N TYR B 135 33.19 -11.09 12.12
CA TYR B 135 32.34 -11.15 10.93
C TYR B 135 33.09 -10.64 9.72
N SER B 136 33.12 -11.45 8.66
CA SER B 136 33.63 -11.00 7.36
C SER B 136 32.61 -10.05 6.74
N LEU B 137 32.95 -8.77 6.69
CA LEU B 137 32.07 -7.73 6.18
C LEU B 137 32.60 -7.19 4.86
N ARG B 138 31.86 -6.22 4.35
CA ARG B 138 32.16 -5.55 3.09
C ARG B 138 31.45 -4.20 3.14
N GLY B 139 32.13 -3.12 2.78
CA GLY B 139 31.53 -1.81 2.93
C GLY B 139 32.29 -0.75 2.17
N TRP B 140 31.60 0.36 1.93
CA TRP B 140 32.21 1.48 1.20
C TRP B 140 31.36 2.74 1.40
N VAL B 141 31.90 3.86 0.97
CA VAL B 141 31.17 5.12 0.96
C VAL B 141 30.54 5.29 -0.42
N VAL B 142 29.23 5.53 -0.45
CA VAL B 142 28.57 5.82 -1.71
C VAL B 142 28.81 7.29 -2.03
N GLU B 143 29.34 7.56 -3.21
CA GLU B 143 29.71 8.95 -3.53
C GLU B 143 29.41 9.25 -4.98
N GLU B 144 28.79 10.40 -5.20
CA GLU B 144 28.66 10.96 -6.54
C GLU B 144 29.95 11.70 -6.86
N GLU B 145 30.02 12.26 -8.06
CA GLU B 145 31.23 12.94 -8.50
C GLU B 145 31.58 14.05 -7.51
N GLY B 146 32.63 13.83 -6.73
CA GLY B 146 33.06 14.74 -5.68
C GLY B 146 32.45 14.47 -4.31
N LEU B 147 31.12 14.40 -4.26
CA LEU B 147 30.37 14.49 -3.02
C LEU B 147 30.06 13.09 -2.48
N ARG B 148 30.42 12.84 -1.23
CA ARG B 148 30.13 11.60 -0.52
C ARG B 148 28.74 11.67 0.11
N HIS B 149 27.95 10.61 -0.10
CA HIS B 149 26.55 10.58 0.31
C HIS B 149 26.31 9.78 1.59
N TYR B 150 26.61 8.48 1.57
CA TYR B 150 26.25 7.65 2.71
C TYR B 150 27.14 6.42 2.76
N VAL B 151 27.06 5.72 3.88
CA VAL B 151 27.86 4.54 4.17
C VAL B 151 26.99 3.32 4.01
N VAL B 152 27.51 2.31 3.31
CA VAL B 152 26.80 1.03 3.20
C VAL B 152 27.72 -0.08 3.70
N THR B 153 27.11 -1.09 4.32
CA THR B 153 27.81 -2.23 4.89
C THR B 153 27.01 -3.50 4.61
N LYS B 154 27.71 -4.55 4.19
CA LYS B 154 27.13 -5.86 3.90
C LYS B 154 27.95 -6.91 4.63
N GLN B 155 27.38 -8.13 4.75
CA GLN B 155 28.07 -9.22 5.41
C GLN B 155 28.26 -10.39 4.44
N ASN B 156 29.30 -11.19 4.69
CA ASN B 156 29.67 -12.30 3.82
C ASN B 156 29.50 -13.65 4.53
N GLU B 157 28.48 -13.76 5.39
CA GLU B 157 28.26 -14.95 6.20
C GLU B 157 27.01 -15.71 5.80
N SER B 158 26.22 -15.21 4.85
CA SER B 158 24.87 -15.71 4.59
C SER B 158 24.00 -15.64 5.84
N ASP B 159 24.15 -14.55 6.60
CA ASP B 159 23.45 -14.39 7.88
C ASP B 159 23.21 -12.88 8.11
N ASP B 160 22.05 -12.40 7.64
CA ASP B 160 21.72 -10.98 7.77
C ASP B 160 21.58 -10.55 9.23
N ALA B 161 21.40 -11.49 10.17
CA ALA B 161 21.36 -11.15 11.58
C ALA B 161 22.65 -10.48 12.06
N VAL B 162 23.77 -10.76 11.38
CA VAL B 162 25.06 -10.15 11.72
C VAL B 162 24.95 -8.63 11.74
N LEU B 163 24.30 -8.06 10.72
CA LEU B 163 24.22 -6.61 10.58
C LEU B 163 23.42 -5.97 11.69
N SER B 164 22.40 -6.66 12.21
CA SER B 164 21.62 -6.10 13.31
C SER B 164 22.47 -5.99 14.57
N LYS B 165 23.40 -6.93 14.75
CA LYS B 165 24.30 -6.88 15.89
C LYS B 165 25.26 -5.69 15.77
N VAL B 166 25.90 -5.56 14.61
CA VAL B 166 26.80 -4.43 14.39
C VAL B 166 26.06 -3.11 14.60
N LEU B 167 24.85 -3.01 14.05
CA LEU B 167 24.03 -1.83 14.26
C LEU B 167 23.82 -1.55 15.75
N ALA B 168 23.65 -2.61 16.55
CA ALA B 168 23.44 -2.43 17.98
C ALA B 168 24.64 -1.77 18.64
N GLU B 169 25.85 -2.20 18.29
CA GLU B 169 27.03 -1.68 18.96
C GLU B 169 27.42 -0.30 18.45
N VAL B 170 27.34 -0.08 17.13
CA VAL B 170 27.58 1.26 16.58
C VAL B 170 26.63 2.27 17.23
N GLN B 171 25.37 1.88 17.42
CA GLN B 171 24.41 2.70 18.15
C GLN B 171 24.88 2.95 19.57
N ALA B 172 25.41 1.92 20.23
CA ALA B 172 25.90 2.07 21.59
C ALA B 172 27.06 3.05 21.65
N ARG B 173 28.09 2.82 20.82
CA ARG B 173 29.27 3.70 20.78
C ARG B 173 28.95 5.10 20.29
N GLY B 174 27.67 5.42 20.07
CA GLY B 174 27.26 6.77 19.72
C GLY B 174 27.70 7.26 18.37
N MET B 175 28.10 6.37 17.47
CA MET B 175 28.67 6.79 16.19
C MET B 175 27.64 7.30 15.20
N LEU B 176 26.36 7.33 15.55
CA LEU B 176 25.29 7.59 14.58
C LEU B 176 24.46 8.82 14.94
N GLU B 177 24.94 9.70 15.83
CA GLU B 177 24.20 10.92 16.12
C GLU B 177 24.12 11.81 14.88
N GLY B 178 22.96 12.43 14.69
CA GLY B 178 22.72 13.24 13.51
C GLY B 178 22.52 12.45 12.23
N MET B 179 22.29 11.15 12.32
CA MET B 179 22.13 10.30 11.15
C MET B 179 20.91 9.40 11.34
N HIS B 180 20.48 8.78 10.25
CA HIS B 180 19.39 7.81 10.29
C HIS B 180 19.82 6.56 9.53
N ILE B 181 19.06 5.47 9.70
CA ILE B 181 19.58 4.18 9.23
C ILE B 181 18.58 3.50 8.32
N HIS B 182 19.10 2.68 7.43
CA HIS B 182 18.31 1.77 6.62
C HIS B 182 18.86 0.37 6.78
N ALA B 183 17.98 -0.59 7.06
CA ALA B 183 18.37 -1.99 7.16
C ALA B 183 17.28 -2.83 6.50
N ASN B 184 17.64 -3.54 5.44
CA ASN B 184 16.75 -4.52 4.82
C ASN B 184 17.62 -5.56 4.12
N GLY B 185 17.47 -6.82 4.52
CA GLY B 185 18.24 -7.85 3.87
C GLY B 185 19.72 -7.69 4.17
N ASN B 186 20.55 -8.05 3.20
CA ASN B 186 22.00 -7.93 3.35
C ASN B 186 22.44 -6.52 2.93
N ASN B 187 22.03 -5.55 3.73
CA ASN B 187 22.27 -4.13 3.46
C ASN B 187 21.98 -3.31 4.71
N LEU B 188 23.01 -2.63 5.22
CA LEU B 188 22.89 -1.73 6.36
C LEU B 188 23.52 -0.41 5.97
N ALA B 189 22.72 0.66 5.96
CA ALA B 189 23.16 1.96 5.46
C ALA B 189 23.01 3.03 6.54
N PHE B 190 24.01 3.89 6.65
CA PHE B 190 23.98 5.02 7.57
C PHE B 190 23.90 6.30 6.77
N LEU B 191 22.84 7.08 6.98
CA LEU B 191 22.52 8.22 6.13
C LEU B 191 22.56 9.51 6.93
N PRO B 192 23.25 10.55 6.44
CA PRO B 192 23.16 11.86 7.08
C PRO B 192 21.73 12.38 7.09
N LYS B 193 21.45 13.29 8.02
CA LYS B 193 20.09 13.80 8.19
C LYS B 193 19.52 14.38 6.90
N GLY B 194 20.31 15.16 6.17
CA GLY B 194 19.77 15.76 4.97
C GLY B 194 19.75 14.88 3.74
N LEU B 195 19.95 13.59 3.90
CA LEU B 195 19.94 12.64 2.78
C LEU B 195 18.77 11.69 3.00
N ALA B 196 17.76 11.78 2.14
CA ALA B 196 16.60 10.91 2.28
C ALA B 196 15.82 10.90 0.97
N LYS B 197 15.33 9.72 0.57
CA LYS B 197 14.38 9.69 -0.55
C LYS B 197 13.25 10.67 -0.32
N ARG B 198 12.79 10.81 0.93
CA ARG B 198 11.68 11.72 1.22
C ARG B 198 11.99 13.14 0.79
N LEU B 199 13.21 13.61 1.06
CA LEU B 199 13.52 15.00 0.71
C LEU B 199 13.56 15.21 -0.80
N ALA B 200 14.08 14.24 -1.53
CA ALA B 200 14.13 14.41 -2.98
C ALA B 200 12.73 14.32 -3.57
N VAL B 201 11.91 13.40 -3.07
CA VAL B 201 10.54 13.31 -3.59
C VAL B 201 9.77 14.59 -3.27
N GLN B 202 9.95 15.12 -2.06
CA GLN B 202 9.31 16.38 -1.71
C GLN B 202 9.68 17.49 -2.69
N GLU B 203 10.95 17.56 -3.08
CA GLU B 203 11.35 18.58 -4.04
C GLU B 203 10.80 18.28 -5.43
N TRP B 204 10.79 17.01 -5.83
CA TRP B 204 10.26 16.64 -7.13
C TRP B 204 8.80 17.08 -7.24
N LEU B 205 8.01 16.87 -6.17
CA LEU B 205 6.61 17.28 -6.14
C LEU B 205 6.47 18.80 -6.18
N ARG B 206 7.34 19.52 -5.48
CA ARG B 206 7.27 20.99 -5.51
C ARG B 206 7.45 21.48 -6.93
N ARG B 207 8.43 20.94 -7.66
CA ARG B 207 8.64 21.30 -9.05
C ARG B 207 7.47 20.91 -9.93
N ASP B 208 6.96 19.69 -9.75
CA ASP B 208 5.87 19.19 -10.59
C ASP B 208 4.62 20.05 -10.46
N ALA B 209 4.33 20.52 -9.24
CA ALA B 209 3.09 21.27 -9.03
C ALA B 209 3.10 22.58 -9.81
N LYS B 210 4.28 23.13 -10.08
CA LYS B 210 4.32 24.37 -10.87
C LYS B 210 4.00 24.14 -12.34
N ILE B 211 4.12 22.91 -12.81
CA ILE B 211 3.85 22.55 -14.20
C ILE B 211 2.48 21.90 -14.36
N ASN B 212 2.13 21.02 -13.43
CA ASN B 212 0.97 20.17 -13.60
C ASN B 212 -0.04 20.33 -12.48
N GLY B 213 0.15 21.30 -11.59
CA GLY B 213 -0.74 21.45 -10.46
C GLY B 213 -0.84 20.16 -9.66
N ASP B 214 -2.00 19.95 -9.06
CA ASP B 214 -2.22 18.84 -8.14
C ASP B 214 -2.80 17.68 -8.93
N ARG B 215 -2.04 16.59 -9.05
CA ARG B 215 -2.46 15.40 -9.75
C ARG B 215 -2.20 14.20 -8.85
N PRO B 216 -2.84 13.05 -9.12
CA PRO B 216 -2.67 11.92 -8.19
C PRO B 216 -1.21 11.46 -8.12
N VAL B 217 -0.75 11.20 -6.90
CA VAL B 217 0.61 10.76 -6.63
C VAL B 217 0.54 9.41 -5.91
N LEU B 218 1.17 8.39 -6.48
CA LEU B 218 1.23 7.04 -5.93
C LEU B 218 2.67 6.67 -5.58
N GLY B 219 2.87 6.01 -4.45
CA GLY B 219 4.23 5.62 -4.11
C GLY B 219 4.30 4.13 -3.88
N PHE B 220 5.33 3.47 -4.42
CA PHE B 220 5.50 2.00 -4.32
C PHE B 220 6.86 1.71 -3.71
N GLY B 221 6.89 0.95 -2.63
CA GLY B 221 8.17 0.61 -2.02
C GLY B 221 8.03 -0.63 -1.17
N ASP B 222 9.17 -1.31 -0.93
CA ASP B 222 9.19 -2.55 -0.15
C ASP B 222 9.78 -2.41 1.24
N SER B 223 10.60 -1.40 1.48
CA SER B 223 11.31 -1.26 2.75
C SER B 223 10.50 -0.41 3.72
N ILE B 224 10.65 -0.70 5.01
CA ILE B 224 10.03 0.17 6.01
C ILE B 224 10.48 1.61 5.84
N THR B 225 11.76 1.82 5.51
CA THR B 225 12.24 3.19 5.34
C THR B 225 11.70 3.83 4.08
N ASP B 226 11.17 3.04 3.13
CA ASP B 226 10.49 3.67 1.99
C ASP B 226 9.22 4.41 2.40
N LEU B 227 8.68 4.15 3.59
CA LEU B 227 7.52 4.89 4.06
C LEU B 227 7.78 6.39 4.12
N GLY B 228 9.04 6.80 4.24
CA GLY B 228 9.35 8.22 4.20
C GLY B 228 8.81 8.89 2.95
N PHE B 229 9.24 8.45 1.77
CA PHE B 229 8.73 9.14 0.58
C PHE B 229 7.30 8.71 0.27
N MET B 230 6.94 7.47 0.60
CA MET B 230 5.58 7.01 0.30
C MET B 230 4.53 7.82 1.07
N GLY B 231 4.87 8.33 2.25
CA GLY B 231 3.93 9.14 3.00
C GLY B 231 3.64 10.50 2.38
N LEU B 232 4.41 10.91 1.37
CA LEU B 232 4.15 12.14 0.63
C LEU B 232 3.14 11.95 -0.48
N CYS B 233 2.75 10.71 -0.74
CA CYS B 233 1.88 10.38 -1.86
C CYS B 233 0.43 10.35 -1.39
N HIS B 234 -0.50 10.38 -2.35
CA HIS B 234 -1.91 10.29 -1.99
C HIS B 234 -2.27 8.87 -1.57
N MET B 235 -1.65 7.89 -2.19
CA MET B 235 -1.81 6.48 -1.92
C MET B 235 -0.43 5.86 -1.96
N TRP B 236 -0.16 4.89 -1.08
CA TRP B 236 1.09 4.18 -1.19
C TRP B 236 0.81 2.69 -1.23
N ALA B 237 1.76 1.95 -1.79
CA ALA B 237 1.56 0.55 -2.12
C ALA B 237 2.84 -0.25 -1.85
N THR B 238 2.68 -1.55 -1.65
CA THR B 238 3.85 -2.37 -1.34
C THR B 238 3.61 -3.77 -1.87
N PRO B 239 4.67 -4.48 -2.26
CA PRO B 239 4.52 -5.90 -2.63
C PRO B 239 4.05 -6.71 -1.42
N ALA B 240 3.27 -7.76 -1.73
CA ALA B 240 2.63 -8.54 -0.67
C ALA B 240 3.61 -9.15 0.33
N ARG B 241 4.83 -9.48 -0.09
CA ARG B 241 5.77 -10.15 0.84
C ARG B 241 6.98 -9.28 1.17
N SER B 242 6.85 -7.98 1.04
CA SER B 242 7.92 -7.05 1.32
C SER B 242 8.25 -7.01 2.81
N GLN B 243 9.40 -6.41 3.14
CA GLN B 243 9.71 -6.14 4.54
C GLN B 243 8.60 -5.34 5.22
N LEU B 244 8.09 -4.31 4.53
CA LEU B 244 6.99 -3.50 5.06
C LEU B 244 5.74 -4.34 5.29
N ALA B 245 5.32 -5.10 4.27
CA ALA B 245 4.12 -5.92 4.40
C ALA B 245 4.25 -6.93 5.53
N LYS B 246 5.43 -7.49 5.70
CA LYS B 246 5.64 -8.47 6.77
C LYS B 246 5.53 -7.82 8.14
N ALA B 247 6.04 -6.59 8.26
CA ALA B 247 5.89 -5.85 9.51
C ALA B 247 4.44 -5.52 9.79
N VAL B 248 3.68 -5.18 8.74
CA VAL B 248 2.26 -4.88 8.94
C VAL B 248 1.52 -6.12 9.39
N GLU B 249 1.86 -7.26 8.79
CA GLU B 249 1.29 -8.55 9.19
C GLU B 249 1.49 -8.79 10.69
N GLU B 250 2.69 -8.52 11.21
CA GLU B 250 3.00 -8.79 12.61
C GLU B 250 2.21 -7.88 13.55
N MET B 251 1.96 -6.63 13.15
CA MET B 251 1.16 -5.67 13.91
C MET B 251 -0.29 -6.11 14.14
CA CA C . -13.62 1.48 3.46
C ACY D . -16.35 -0.26 2.58
O ACY D . -15.78 0.64 3.30
OXT ACY D . -16.44 -1.49 2.90
CH3 ACY D . -16.89 0.12 1.23
C1 EDO E . -13.86 -7.73 5.73
O1 EDO E . -14.90 -8.58 5.34
C2 EDO E . -13.35 -8.19 7.09
O2 EDO E . -13.08 -9.57 7.02
C1 EDO F . -18.93 -13.39 -11.36
O1 EDO F . -17.57 -13.69 -11.34
C2 EDO F . -19.10 -11.87 -11.51
O2 EDO F . -19.44 -11.61 -12.85
C1 EDO G . -17.95 -19.72 0.71
O1 EDO G . -17.88 -21.02 1.22
C2 EDO G . -16.99 -18.88 1.55
O2 EDO G . -17.48 -18.89 2.86
CA CA H . 13.84 -1.66 -2.35
C ACY I . 16.15 0.46 -3.49
O ACY I . 15.89 -0.66 -2.94
OXT ACY I . 16.42 1.53 -2.84
CH3 ACY I . 16.05 0.54 -5.00
C1 EDO J . 15.48 6.32 2.49
O1 EDO J . 16.32 7.37 2.10
C2 EDO J . 15.47 6.27 4.01
O2 EDO J . 15.22 7.57 4.49
C1 EDO K . 14.66 16.55 -12.93
O1 EDO K . 14.55 16.28 -14.29
C2 EDO K . 13.24 16.67 -12.38
O2 EDO K . 12.99 18.00 -12.06
C1 EDO L . 18.26 18.15 1.10
O1 EDO L . 18.94 17.98 2.31
C2 EDO L . 18.62 19.53 0.55
O2 EDO L . 18.00 20.49 1.34
#